data_1RTK
#
_entry.id   1RTK
#
_cell.length_a   98.355
_cell.length_b   98.355
_cell.length_c   125.657
_cell.angle_alpha   90.00
_cell.angle_beta   90.00
_cell.angle_gamma   120.00
#
_symmetry.space_group_name_H-M   'P 61'
#
loop_
_entity.id
_entity.type
_entity.pdbx_description
1 polymer 'Complement factor B Bb fragment'
2 non-polymer 'IODIDE ION'
3 non-polymer 'SODIUM ION'
4 non-polymer 'MAGNESIUM ION'
5 non-polymer '4-carbamimidamidobenzoic acid'
6 water water
#
_entity_poly.entity_id   1
_entity_poly.type   'polypeptide(L)'
_entity_poly.pdbx_seq_one_letter_code
;SMNIYLVLDGSDSIGASNFTGAKKVLVNLIEKVASYGVKPRYGLVTYATYPKIWVKVSEADSSNADWVTKQLNEINYEDH
KLKSGTNTKKALQAVYSMMSWPDDVPPEGWNRTRHVIILMTDGLHNMGGDPITVIDEIRDLLYIGKDRKNPREDYLDVYV
FGVGPLVNQVNINALASKKDNEQHVCKVKDMECLEDVFYQMIDESQSLSLCGMVWEHRKGTDYHKQPWQAKISVIRPSKG
HESCMGAVVSEYFVLTAAHCFTVDDKEHSIKVSVGGEKRDLEIEVVLFHPNYNINGKKEAGIPEFYDYDVALIKLKNKLK
YGQTIRPICLPCTEGTTRALRLPPTTTCQQQKEELLPAQDIKALFVSEEEKKLTRKEVYIKNGDKKGSCERDAQYAPGYD
KVKDISEVVTPRFLCTGGVSPYADPNTCRGDSGGPLIVHKRSRFIQVGVISWGVVDVCKNQKRQKQVPAHARDFHINLFQ
VLPWLKEKLQDEDLGFL
;
_entity_poly.pdbx_strand_id   A
#
# COMPACT_ATOMS: atom_id res chain seq x y z
N SER A 1 -10.24 -10.49 -17.80
CA SER A 1 -8.90 -10.63 -18.44
C SER A 1 -8.41 -9.31 -19.03
N MET A 2 -7.16 -8.96 -18.75
CA MET A 2 -6.58 -7.72 -19.23
C MET A 2 -5.13 -7.88 -19.71
N ASN A 3 -4.83 -7.26 -20.85
CA ASN A 3 -3.49 -7.28 -21.43
C ASN A 3 -2.96 -5.84 -21.50
N ILE A 4 -1.73 -5.64 -21.03
CA ILE A 4 -1.14 -4.31 -21.08
C ILE A 4 0.14 -4.39 -21.89
N TYR A 5 0.19 -3.61 -22.96
CA TYR A 5 1.34 -3.61 -23.85
C TYR A 5 2.19 -2.36 -23.64
N LEU A 6 3.40 -2.56 -23.13
CA LEU A 6 4.32 -1.47 -22.89
C LEU A 6 5.23 -1.33 -24.10
N VAL A 7 5.09 -0.22 -24.82
CA VAL A 7 5.87 0.03 -26.02
C VAL A 7 6.75 1.27 -25.80
N LEU A 8 8.05 1.04 -25.73
CA LEU A 8 8.99 2.13 -25.48
C LEU A 8 9.90 2.48 -26.66
N ASP A 9 9.79 3.72 -27.09
CA ASP A 9 10.61 4.25 -28.20
C ASP A 9 12.06 4.29 -27.70
N GLY A 10 12.95 3.59 -28.41
CA GLY A 10 14.35 3.58 -28.01
C GLY A 10 15.22 4.21 -29.09
N SER A 11 14.62 5.10 -29.88
CA SER A 11 15.34 5.77 -30.97
C SER A 11 16.26 6.87 -30.48
N ASP A 12 17.07 7.37 -31.41
CA ASP A 12 18.03 8.43 -31.21
C ASP A 12 17.52 9.70 -30.51
N SER A 13 16.35 10.16 -30.92
CA SER A 13 15.77 11.38 -30.36
C SER A 13 15.32 11.28 -28.91
N ILE A 14 15.25 10.06 -28.39
CA ILE A 14 14.82 9.89 -27.00
C ILE A 14 15.95 10.18 -26.03
N GLY A 15 17.12 9.58 -26.28
CA GLY A 15 18.25 9.80 -25.38
C GLY A 15 18.26 8.80 -24.24
N ALA A 16 19.45 8.55 -23.70
CA ALA A 16 19.64 7.60 -22.61
C ALA A 16 18.91 7.93 -21.32
N SER A 17 19.13 9.13 -20.80
CA SER A 17 18.50 9.54 -19.55
C SER A 17 16.96 9.47 -19.60
N ASN A 18 16.34 10.01 -20.64
CA ASN A 18 14.89 9.95 -20.71
C ASN A 18 14.35 8.57 -21.03
N PHE A 19 15.19 7.71 -21.60
CA PHE A 19 14.75 6.36 -21.92
C PHE A 19 14.64 5.60 -20.59
N THR A 20 15.62 5.84 -19.72
CA THR A 20 15.65 5.21 -18.41
C THR A 20 14.47 5.75 -17.61
N GLY A 21 14.26 7.07 -17.68
CA GLY A 21 13.15 7.68 -16.97
C GLY A 21 11.85 7.04 -17.39
N ALA A 22 11.71 6.76 -18.69
CA ALA A 22 10.49 6.13 -19.21
C ALA A 22 10.28 4.76 -18.56
N LYS A 23 11.34 3.98 -18.43
CA LYS A 23 11.24 2.65 -17.80
C LYS A 23 10.73 2.79 -16.35
N LYS A 24 11.23 3.80 -15.65
CA LYS A 24 10.85 4.08 -14.27
C LYS A 24 9.34 4.21 -14.18
N VAL A 25 8.77 5.00 -15.09
CA VAL A 25 7.33 5.19 -15.14
C VAL A 25 6.63 3.84 -15.29
N LEU A 26 7.15 3.00 -16.18
CA LEU A 26 6.58 1.68 -16.41
C LEU A 26 6.76 0.75 -15.21
N VAL A 27 7.95 0.79 -14.60
CA VAL A 27 8.23 -0.04 -13.42
C VAL A 27 7.23 0.32 -12.31
N ASN A 28 7.04 1.61 -12.09
CA ASN A 28 6.11 2.08 -11.06
C ASN A 28 4.67 1.69 -11.39
N LEU A 29 4.29 1.73 -12.67
CA LEU A 29 2.94 1.36 -13.07
C LEU A 29 2.65 -0.11 -12.75
N ILE A 30 3.57 -0.99 -13.16
CA ILE A 30 3.45 -2.43 -12.92
C ILE A 30 3.25 -2.68 -11.42
N GLU A 31 4.09 -2.04 -10.62
CA GLU A 31 4.04 -2.16 -9.16
C GLU A 31 2.69 -1.72 -8.59
N LYS A 32 2.17 -0.59 -9.05
CA LYS A 32 0.90 -0.09 -8.54
C LYS A 32 -0.29 -0.98 -8.96
N VAL A 33 -0.25 -1.50 -10.18
CA VAL A 33 -1.29 -2.39 -10.69
C VAL A 33 -1.30 -3.66 -9.83
N ALA A 34 -0.11 -4.21 -9.60
CA ALA A 34 0.04 -5.42 -8.78
C ALA A 34 -0.44 -5.17 -7.36
N SER A 35 -0.20 -3.98 -6.83
CA SER A 35 -0.61 -3.65 -5.45
C SER A 35 -2.14 -3.73 -5.29
N TYR A 36 -2.85 -3.52 -6.38
CA TYR A 36 -4.31 -3.57 -6.37
C TYR A 36 -4.83 -4.98 -6.55
N GLY A 37 -3.91 -5.95 -6.56
CA GLY A 37 -4.31 -7.33 -6.72
C GLY A 37 -4.69 -7.68 -8.15
N VAL A 38 -4.42 -6.80 -9.09
CA VAL A 38 -4.73 -7.03 -10.50
C VAL A 38 -3.58 -7.77 -11.17
N LYS A 39 -3.89 -8.81 -11.93
CA LYS A 39 -2.86 -9.59 -12.62
C LYS A 39 -3.04 -9.63 -14.13
N PRO A 40 -2.56 -8.60 -14.83
CA PRO A 40 -2.73 -8.64 -16.28
C PRO A 40 -1.55 -9.34 -16.96
N ARG A 41 -1.71 -9.66 -18.24
CA ARG A 41 -0.63 -10.27 -19.01
C ARG A 41 0.12 -9.07 -19.62
N TYR A 42 1.44 -9.10 -19.60
CA TYR A 42 2.19 -7.98 -20.15
C TYR A 42 2.94 -8.24 -21.45
N GLY A 43 2.98 -7.20 -22.27
CA GLY A 43 3.71 -7.23 -23.52
C GLY A 43 4.76 -6.15 -23.31
N LEU A 44 6.01 -6.43 -23.65
CA LEU A 44 7.07 -5.43 -23.47
C LEU A 44 7.87 -5.33 -24.77
N VAL A 45 7.82 -4.15 -25.36
CA VAL A 45 8.47 -3.88 -26.64
C VAL A 45 9.25 -2.56 -26.64
N THR A 46 10.45 -2.57 -27.21
CA THR A 46 11.21 -1.34 -27.36
C THR A 46 11.31 -1.22 -28.87
N TYR A 47 11.51 -0.04 -29.41
CA TYR A 47 11.59 0.09 -30.85
C TYR A 47 12.33 1.31 -31.35
N ALA A 48 12.83 1.17 -32.57
CA ALA A 48 13.54 2.22 -33.29
C ALA A 48 13.25 1.83 -34.75
N THR A 49 14.28 1.51 -35.54
CA THR A 49 14.05 1.10 -36.91
C THR A 49 13.12 -0.12 -36.94
N TYR A 50 13.35 -1.05 -36.01
CA TYR A 50 12.54 -2.26 -35.89
C TYR A 50 12.17 -2.45 -34.43
N PRO A 51 11.18 -3.32 -34.16
CA PRO A 51 10.74 -3.60 -32.80
C PRO A 51 11.57 -4.74 -32.21
N LYS A 52 11.67 -4.78 -30.89
CA LYS A 52 12.36 -5.85 -30.20
C LYS A 52 11.37 -6.26 -29.14
N ILE A 53 10.95 -7.53 -29.19
CA ILE A 53 9.98 -8.06 -28.24
C ILE A 53 10.69 -8.67 -27.04
N TRP A 54 10.46 -8.10 -25.86
CA TRP A 54 11.08 -8.61 -24.64
C TRP A 54 10.15 -9.56 -23.92
N VAL A 55 8.84 -9.28 -24.01
CA VAL A 55 7.82 -10.10 -23.38
C VAL A 55 6.55 -10.15 -24.24
N LYS A 56 5.99 -11.35 -24.39
CA LYS A 56 4.77 -11.54 -25.18
C LYS A 56 3.66 -11.97 -24.22
N VAL A 57 2.44 -11.52 -24.48
CA VAL A 57 1.32 -11.87 -23.62
C VAL A 57 1.03 -13.37 -23.55
N SER A 58 1.38 -14.11 -24.60
CA SER A 58 1.16 -15.56 -24.62
C SER A 58 2.11 -16.32 -23.70
N GLU A 59 3.15 -15.66 -23.22
CA GLU A 59 4.09 -16.31 -22.32
C GLU A 59 3.42 -16.46 -20.95
N ALA A 60 3.58 -17.63 -20.34
CA ALA A 60 2.99 -17.90 -19.03
C ALA A 60 3.50 -16.89 -18.00
N ASP A 61 4.79 -16.55 -18.08
CA ASP A 61 5.40 -15.61 -17.15
C ASP A 61 5.04 -14.13 -17.42
N SER A 62 4.26 -13.87 -18.47
CA SER A 62 3.90 -12.48 -18.77
C SER A 62 2.96 -11.87 -17.73
N SER A 63 2.36 -12.72 -16.88
CA SER A 63 1.46 -12.22 -15.84
C SER A 63 2.13 -12.20 -14.47
N ASN A 64 3.43 -12.47 -14.44
CA ASN A 64 4.20 -12.46 -13.21
C ASN A 64 4.88 -11.09 -13.11
N ALA A 65 4.27 -10.19 -12.34
CA ALA A 65 4.77 -8.82 -12.22
C ALA A 65 6.24 -8.66 -11.79
N ASP A 66 6.76 -9.61 -11.01
CA ASP A 66 8.16 -9.56 -10.58
C ASP A 66 9.07 -9.91 -11.77
N TRP A 67 8.67 -10.93 -12.53
CA TRP A 67 9.44 -11.36 -13.70
C TRP A 67 9.49 -10.26 -14.77
N VAL A 68 8.33 -9.70 -15.08
CA VAL A 68 8.22 -8.63 -16.07
C VAL A 68 9.05 -7.42 -15.62
N THR A 69 8.93 -7.03 -14.36
CA THR A 69 9.70 -5.91 -13.83
C THR A 69 11.20 -6.22 -13.99
N LYS A 70 11.55 -7.47 -13.77
CA LYS A 70 12.93 -7.91 -13.89
C LYS A 70 13.41 -7.72 -15.34
N GLN A 71 12.58 -8.13 -16.30
CA GLN A 71 12.91 -7.98 -17.72
C GLN A 71 13.14 -6.51 -18.04
N LEU A 72 12.18 -5.67 -17.66
CA LEU A 72 12.24 -4.23 -17.89
C LEU A 72 13.50 -3.64 -17.28
N ASN A 73 13.83 -4.06 -16.07
CA ASN A 73 15.03 -3.59 -15.39
C ASN A 73 16.31 -3.94 -16.14
N GLU A 74 16.32 -5.09 -16.80
CA GLU A 74 17.50 -5.55 -17.53
C GLU A 74 17.71 -4.88 -18.89
N ILE A 75 16.66 -4.26 -19.42
CA ILE A 75 16.76 -3.60 -20.70
C ILE A 75 17.67 -2.39 -20.65
N ASN A 76 18.67 -2.36 -21.52
CA ASN A 76 19.61 -1.26 -21.59
C ASN A 76 19.33 -0.45 -22.86
N TYR A 77 19.39 0.87 -22.76
CA TYR A 77 19.16 1.74 -23.90
C TYR A 77 19.93 1.26 -25.14
N GLU A 78 21.23 1.01 -24.97
CA GLU A 78 22.09 0.56 -26.06
C GLU A 78 21.72 -0.81 -26.65
N ASP A 79 20.89 -1.58 -25.94
CA ASP A 79 20.48 -2.89 -26.42
C ASP A 79 19.73 -2.78 -27.75
N HIS A 80 18.93 -1.74 -27.89
CA HIS A 80 18.14 -1.55 -29.09
C HIS A 80 18.98 -0.86 -30.15
N LYS A 81 19.20 -1.56 -31.26
CA LYS A 81 20.02 -1.05 -32.34
C LYS A 81 19.29 -0.22 -33.40
N LEU A 82 20.05 0.28 -34.36
CA LEU A 82 19.50 1.07 -35.45
C LEU A 82 18.61 2.21 -34.91
N LYS A 83 19.21 3.08 -34.11
CA LYS A 83 18.50 4.18 -33.49
C LYS A 83 18.23 5.37 -34.41
N SER A 84 18.80 5.33 -35.62
CA SER A 84 18.62 6.40 -36.59
C SER A 84 17.21 6.38 -37.17
N GLY A 85 16.51 5.26 -36.99
CA GLY A 85 15.16 5.16 -37.50
C GLY A 85 14.12 5.06 -36.39
N THR A 86 12.89 5.44 -36.70
CA THR A 86 11.77 5.39 -35.76
C THR A 86 10.52 4.93 -36.50
N ASN A 87 10.17 3.66 -36.35
CA ASN A 87 9.02 3.11 -37.04
C ASN A 87 7.93 2.71 -36.05
N THR A 88 7.14 3.69 -35.65
CA THR A 88 6.06 3.46 -34.69
C THR A 88 5.02 2.51 -35.25
N LYS A 89 4.77 2.62 -36.55
CA LYS A 89 3.80 1.73 -37.19
C LYS A 89 4.16 0.29 -36.89
N LYS A 90 5.43 -0.06 -37.11
CA LYS A 90 5.89 -1.42 -36.85
C LYS A 90 5.74 -1.82 -35.38
N ALA A 91 6.07 -0.90 -34.48
CA ALA A 91 5.94 -1.18 -33.07
C ALA A 91 4.51 -1.64 -32.75
N LEU A 92 3.52 -0.93 -33.31
CA LEU A 92 2.13 -1.30 -33.07
C LEU A 92 1.74 -2.61 -33.74
N GLN A 93 2.42 -2.95 -34.84
CA GLN A 93 2.11 -4.21 -35.51
C GLN A 93 2.55 -5.36 -34.63
N ALA A 94 3.62 -5.15 -33.87
CA ALA A 94 4.11 -6.18 -32.95
C ALA A 94 3.04 -6.43 -31.90
N VAL A 95 2.31 -5.38 -31.55
CA VAL A 95 1.23 -5.53 -30.58
C VAL A 95 0.09 -6.26 -31.26
N TYR A 96 -0.14 -5.92 -32.52
CA TYR A 96 -1.19 -6.55 -33.32
C TYR A 96 -0.94 -8.06 -33.36
N SER A 97 0.31 -8.44 -33.55
CA SER A 97 0.69 -9.86 -33.61
C SER A 97 0.32 -10.60 -32.33
N MET A 98 0.47 -9.92 -31.19
CA MET A 98 0.16 -10.52 -29.89
C MET A 98 -1.34 -10.72 -29.68
N MET A 99 -2.14 -9.96 -30.42
CA MET A 99 -3.59 -10.05 -30.30
C MET A 99 -4.18 -11.03 -31.31
N SER A 100 -3.62 -11.06 -32.52
CA SER A 100 -4.14 -11.93 -33.55
C SER A 100 -4.07 -13.43 -33.24
N TRP A 101 -4.99 -14.19 -33.82
CA TRP A 101 -5.05 -15.63 -33.62
C TRP A 101 -4.71 -16.41 -34.89
N PRO A 102 -3.95 -17.50 -34.74
CA PRO A 102 -3.57 -18.30 -35.90
C PRO A 102 -4.78 -19.04 -36.49
N GLY A 109 -12.13 -17.54 -25.25
CA GLY A 109 -12.91 -16.34 -25.01
C GLY A 109 -12.13 -15.06 -25.22
N TRP A 110 -11.88 -14.73 -26.48
CA TRP A 110 -11.13 -13.53 -26.84
C TRP A 110 -11.89 -12.26 -26.51
N ASN A 111 -13.17 -12.22 -26.88
CA ASN A 111 -14.01 -11.06 -26.65
C ASN A 111 -14.17 -10.64 -25.18
N ARG A 112 -13.48 -11.33 -24.28
CA ARG A 112 -13.58 -11.00 -22.85
C ARG A 112 -12.30 -10.32 -22.33
N THR A 113 -11.26 -10.32 -23.16
CA THR A 113 -9.99 -9.70 -22.78
C THR A 113 -9.95 -8.21 -23.09
N ARG A 114 -9.55 -7.40 -22.11
CA ARG A 114 -9.46 -5.96 -22.32
C ARG A 114 -8.02 -5.66 -22.75
N HIS A 115 -7.86 -4.71 -23.66
CA HIS A 115 -6.53 -4.37 -24.12
C HIS A 115 -6.14 -2.93 -23.86
N VAL A 116 -4.97 -2.75 -23.28
CA VAL A 116 -4.44 -1.43 -22.96
C VAL A 116 -3.03 -1.26 -23.53
N ILE A 117 -2.89 -0.33 -24.46
CA ILE A 117 -1.60 -0.06 -25.06
C ILE A 117 -1.05 1.21 -24.43
N ILE A 118 0.20 1.14 -23.97
CA ILE A 118 0.84 2.29 -23.37
C ILE A 118 2.07 2.56 -24.20
N LEU A 119 1.98 3.58 -25.04
CA LEU A 119 3.08 3.94 -25.93
C LEU A 119 3.84 5.16 -25.42
N MET A 120 5.15 5.03 -25.30
CA MET A 120 6.01 6.11 -24.84
C MET A 120 6.96 6.52 -25.95
N THR A 121 6.71 7.71 -26.51
CA THR A 121 7.49 8.22 -27.62
C THR A 121 7.36 9.74 -27.71
N ASP A 122 8.20 10.36 -28.53
CA ASP A 122 8.13 11.81 -28.72
C ASP A 122 7.27 12.09 -29.95
N GLY A 123 6.71 11.03 -30.52
CA GLY A 123 5.84 11.15 -31.67
C GLY A 123 6.48 11.44 -33.03
N LEU A 124 7.81 11.42 -33.09
CA LEU A 124 8.52 11.72 -34.33
C LEU A 124 8.92 10.55 -35.23
N HIS A 125 7.98 9.72 -35.64
CA HIS A 125 8.34 8.61 -36.52
C HIS A 125 8.78 9.17 -37.88
N ASN A 126 9.84 8.60 -38.43
CA ASN A 126 10.37 9.03 -39.73
C ASN A 126 10.47 7.86 -40.70
N MET A 127 9.81 6.77 -40.35
CA MET A 127 9.80 5.55 -41.16
C MET A 127 8.47 4.84 -41.06
N GLY A 128 8.13 4.11 -42.12
CA GLY A 128 6.87 3.39 -42.17
C GLY A 128 5.77 4.40 -42.46
N GLY A 129 4.55 3.90 -42.65
CA GLY A 129 3.45 4.80 -42.94
C GLY A 129 2.88 5.39 -41.66
N ASP A 130 1.61 5.80 -41.73
CA ASP A 130 0.94 6.38 -40.58
C ASP A 130 0.53 5.29 -39.59
N PRO A 131 1.01 5.37 -38.33
CA PRO A 131 0.70 4.39 -37.29
C PRO A 131 -0.80 4.23 -37.00
N ILE A 132 -1.56 5.27 -37.30
CA ILE A 132 -3.00 5.27 -37.07
C ILE A 132 -3.65 4.07 -37.73
N THR A 133 -3.10 3.70 -38.88
CA THR A 133 -3.61 2.58 -39.65
C THR A 133 -3.66 1.30 -38.82
N VAL A 134 -2.61 1.05 -38.05
CA VAL A 134 -2.54 -0.16 -37.22
C VAL A 134 -3.64 -0.17 -36.15
N ILE A 135 -3.91 0.99 -35.55
CA ILE A 135 -4.96 1.06 -34.54
C ILE A 135 -6.27 0.65 -35.19
N ASP A 136 -6.50 1.15 -36.40
CA ASP A 136 -7.71 0.83 -37.15
C ASP A 136 -7.81 -0.69 -37.30
N GLU A 137 -6.70 -1.32 -37.64
CA GLU A 137 -6.69 -2.77 -37.82
C GLU A 137 -6.97 -3.47 -36.49
N ILE A 138 -6.43 -2.90 -35.41
CA ILE A 138 -6.64 -3.48 -34.08
C ILE A 138 -8.11 -3.39 -33.68
N ARG A 139 -8.74 -2.25 -33.96
CA ARG A 139 -10.15 -2.09 -33.62
C ARG A 139 -10.99 -3.09 -34.40
N ASP A 140 -10.65 -3.26 -35.68
CA ASP A 140 -11.37 -4.22 -36.51
C ASP A 140 -11.18 -5.63 -35.93
N LEU A 141 -9.93 -5.99 -35.70
CA LEU A 141 -9.61 -7.32 -35.14
C LEU A 141 -10.37 -7.63 -33.85
N LEU A 142 -10.57 -6.62 -32.99
CA LEU A 142 -11.27 -6.83 -31.74
C LEU A 142 -12.75 -6.46 -31.80
N TYR A 143 -13.26 -6.30 -33.02
CA TYR A 143 -14.66 -5.97 -33.23
C TYR A 143 -15.09 -4.79 -32.37
N ILE A 144 -14.41 -3.66 -32.53
CA ILE A 144 -14.72 -2.46 -31.78
C ILE A 144 -15.27 -1.39 -32.73
N GLY A 145 -16.37 -0.75 -32.30
CA GLY A 145 -16.97 0.28 -33.12
C GLY A 145 -17.58 -0.28 -34.40
N LYS A 146 -18.24 -1.43 -34.29
CA LYS A 146 -18.88 -2.07 -35.44
C LYS A 146 -20.40 -2.20 -35.30
N ASP A 147 -20.89 -2.30 -34.06
CA ASP A 147 -22.33 -2.42 -33.83
C ASP A 147 -22.79 -1.74 -32.54
N ARG A 148 -23.81 -0.89 -32.64
CA ARG A 148 -24.34 -0.23 -31.45
C ARG A 148 -24.82 -1.29 -30.45
N LYS A 149 -24.81 -0.94 -29.17
CA LYS A 149 -25.22 -1.87 -28.12
C LYS A 149 -24.07 -2.86 -27.87
N ASN A 150 -23.04 -2.77 -28.70
CA ASN A 150 -21.86 -3.62 -28.56
C ASN A 150 -20.65 -3.04 -29.27
N PRO A 151 -20.42 -1.73 -29.09
CA PRO A 151 -19.28 -1.05 -29.71
C PRO A 151 -17.99 -1.60 -29.13
N ARG A 152 -18.05 -2.05 -27.88
CA ARG A 152 -16.87 -2.63 -27.22
C ARG A 152 -15.69 -1.66 -27.15
N GLU A 153 -15.96 -0.39 -26.87
CA GLU A 153 -14.90 0.61 -26.76
C GLU A 153 -14.13 0.37 -25.47
N ASP A 154 -14.80 -0.25 -24.50
CA ASP A 154 -14.19 -0.56 -23.21
C ASP A 154 -13.08 -1.58 -23.32
N TYR A 155 -13.02 -2.30 -24.44
CA TYR A 155 -12.00 -3.33 -24.63
C TYR A 155 -10.67 -2.87 -25.20
N LEU A 156 -10.55 -1.57 -25.47
CA LEU A 156 -9.31 -1.03 -25.97
C LEU A 156 -9.03 0.39 -25.47
N ASP A 157 -7.79 0.60 -25.07
CA ASP A 157 -7.32 1.90 -24.62
C ASP A 157 -5.92 2.08 -25.18
N VAL A 158 -5.69 3.22 -25.81
CA VAL A 158 -4.38 3.54 -26.37
C VAL A 158 -3.88 4.78 -25.66
N TYR A 159 -2.91 4.59 -24.78
CA TYR A 159 -2.31 5.69 -24.04
C TYR A 159 -0.98 6.07 -24.67
N VAL A 160 -0.72 7.36 -24.78
CA VAL A 160 0.53 7.80 -25.34
C VAL A 160 1.16 8.79 -24.39
N PHE A 161 2.34 8.44 -23.89
CA PHE A 161 3.08 9.29 -22.97
C PHE A 161 4.19 10.00 -23.73
N GLY A 162 4.05 11.32 -23.90
CA GLY A 162 5.04 12.09 -24.62
C GLY A 162 6.35 12.17 -23.86
N VAL A 163 7.43 11.72 -24.50
CA VAL A 163 8.75 11.72 -23.86
C VAL A 163 9.68 12.84 -24.30
N GLY A 164 10.34 13.47 -23.33
CA GLY A 164 11.28 14.55 -23.64
C GLY A 164 10.71 15.94 -23.82
N PRO A 165 11.58 16.92 -24.01
CA PRO A 165 11.24 18.33 -24.20
C PRO A 165 10.76 18.70 -25.63
N LEU A 166 11.15 17.91 -26.62
CA LEU A 166 10.77 18.18 -28.02
C LEU A 166 9.78 17.14 -28.55
N VAL A 167 8.54 17.22 -28.09
CA VAL A 167 7.48 16.30 -28.48
C VAL A 167 6.55 16.87 -29.56
N ASN A 168 6.15 16.01 -30.49
CA ASN A 168 5.23 16.38 -31.56
C ASN A 168 3.81 16.05 -31.09
N GLN A 169 3.19 17.03 -30.43
CA GLN A 169 1.85 16.91 -29.88
C GLN A 169 0.77 16.37 -30.82
N VAL A 170 0.79 16.80 -32.08
CA VAL A 170 -0.21 16.38 -33.04
C VAL A 170 -0.20 14.86 -33.28
N ASN A 171 0.98 14.30 -33.53
CA ASN A 171 1.08 12.86 -33.79
C ASN A 171 0.69 12.03 -32.57
N ILE A 172 1.09 12.50 -31.39
CA ILE A 172 0.80 11.80 -30.16
C ILE A 172 -0.69 11.80 -29.88
N ASN A 173 -1.35 12.92 -30.13
CA ASN A 173 -2.78 13.06 -29.93
C ASN A 173 -3.55 12.17 -30.89
N ALA A 174 -3.06 12.11 -32.14
CA ALA A 174 -3.68 11.31 -33.19
C ALA A 174 -3.83 9.82 -32.87
N LEU A 175 -2.82 9.24 -32.24
CA LEU A 175 -2.85 7.81 -31.91
C LEU A 175 -3.61 7.44 -30.64
N ALA A 176 -3.71 8.36 -29.69
CA ALA A 176 -4.37 8.07 -28.43
C ALA A 176 -5.87 7.86 -28.53
N SER A 177 -6.42 7.04 -27.64
CA SER A 177 -7.86 6.81 -27.62
C SER A 177 -8.52 8.17 -27.40
N LYS A 178 -9.77 8.30 -27.82
CA LYS A 178 -10.51 9.54 -27.64
C LYS A 178 -11.80 9.23 -26.90
N LYS A 179 -11.75 9.31 -25.58
CA LYS A 179 -12.92 9.00 -24.77
C LYS A 179 -13.36 10.16 -23.87
N ASP A 180 -14.66 10.41 -23.88
CA ASP A 180 -15.26 11.48 -23.10
C ASP A 180 -14.91 11.35 -21.61
N ASN A 181 -14.67 12.48 -20.96
CA ASN A 181 -14.35 12.52 -19.53
C ASN A 181 -13.06 11.79 -19.18
N GLU A 182 -12.26 11.48 -20.20
CA GLU A 182 -10.99 10.80 -19.97
C GLU A 182 -9.85 11.45 -20.72
N GLN A 183 -8.63 11.18 -20.24
CA GLN A 183 -7.41 11.72 -20.83
C GLN A 183 -6.52 10.53 -21.16
N HIS A 184 -6.12 10.42 -22.43
CA HIS A 184 -5.26 9.32 -22.84
C HIS A 184 -3.86 9.77 -23.27
N VAL A 185 -3.62 11.08 -23.20
CA VAL A 185 -2.33 11.65 -23.57
C VAL A 185 -1.72 12.39 -22.39
N CYS A 186 -0.46 12.10 -22.10
CA CYS A 186 0.25 12.75 -21.01
C CYS A 186 1.70 13.01 -21.38
N LYS A 187 2.23 14.12 -20.89
CA LYS A 187 3.64 14.42 -21.07
C LYS A 187 4.21 13.60 -19.91
N VAL A 188 5.33 12.92 -20.15
CA VAL A 188 5.94 12.10 -19.12
C VAL A 188 6.28 12.86 -17.83
N LYS A 189 6.57 14.15 -17.93
CA LYS A 189 6.91 14.91 -16.73
C LYS A 189 5.67 15.43 -15.99
N ASP A 190 4.51 15.35 -16.64
CA ASP A 190 3.27 15.81 -16.02
C ASP A 190 2.74 14.69 -15.12
N MET A 191 3.24 14.66 -13.89
CA MET A 191 2.85 13.65 -12.91
C MET A 191 1.38 13.64 -12.53
N GLU A 192 0.70 14.78 -12.68
CA GLU A 192 -0.72 14.85 -12.38
C GLU A 192 -1.48 13.99 -13.38
N CYS A 193 -1.19 14.23 -14.66
CA CYS A 193 -1.82 13.50 -15.76
C CYS A 193 -1.56 12.00 -15.63
N LEU A 194 -0.31 11.62 -15.40
CA LEU A 194 0.03 10.21 -15.26
C LEU A 194 -0.70 9.57 -14.10
N GLU A 195 -0.85 10.31 -13.01
CA GLU A 195 -1.55 9.81 -11.85
C GLU A 195 -3.03 9.56 -12.17
N ASP A 196 -3.62 10.44 -12.98
CA ASP A 196 -5.02 10.30 -13.38
C ASP A 196 -5.23 9.09 -14.28
N VAL A 197 -4.24 8.81 -15.13
CA VAL A 197 -4.32 7.67 -16.04
C VAL A 197 -4.59 6.39 -15.26
N PHE A 198 -3.79 6.14 -14.23
CA PHE A 198 -3.96 4.94 -13.43
C PHE A 198 -5.40 4.70 -12.98
N TYR A 199 -6.05 5.75 -12.47
CA TYR A 199 -7.41 5.61 -11.99
C TYR A 199 -8.46 5.42 -13.09
N GLN A 200 -8.05 5.62 -14.34
CA GLN A 200 -8.94 5.41 -15.48
C GLN A 200 -8.78 3.95 -15.91
N MET A 201 -7.59 3.41 -15.67
CA MET A 201 -7.26 2.04 -16.05
C MET A 201 -7.79 0.97 -15.09
N ILE A 202 -7.56 1.16 -13.80
CA ILE A 202 -7.96 0.17 -12.81
C ILE A 202 -9.28 0.46 -12.09
N ASP A 203 -10.11 -0.56 -11.99
CA ASP A 203 -11.40 -0.44 -11.32
C ASP A 203 -11.24 -0.56 -9.81
N GLU A 204 -11.43 0.56 -9.13
CA GLU A 204 -11.31 0.63 -7.68
C GLU A 204 -12.20 -0.40 -6.97
N SER A 205 -13.39 -0.61 -7.51
CA SER A 205 -14.38 -1.53 -6.95
C SER A 205 -13.88 -2.96 -6.72
N GLN A 206 -13.14 -3.51 -7.68
CA GLN A 206 -12.62 -4.87 -7.57
C GLN A 206 -11.60 -5.03 -6.43
N SER A 207 -11.23 -3.93 -5.80
CA SER A 207 -10.24 -3.99 -4.72
C SER A 207 -10.72 -3.44 -3.40
N LEU A 208 -12.02 -3.24 -3.26
CA LEU A 208 -12.57 -2.70 -2.02
C LEU A 208 -12.41 -3.66 -0.84
N SER A 209 -12.44 -4.96 -1.12
CA SER A 209 -12.33 -5.96 -0.06
C SER A 209 -10.88 -6.26 0.34
N LEU A 210 -9.93 -5.54 -0.24
CA LEU A 210 -8.52 -5.75 0.06
C LEU A 210 -8.02 -4.97 1.29
N CYS A 211 -7.32 -5.67 2.18
CA CYS A 211 -6.77 -5.03 3.39
C CYS A 211 -5.50 -4.24 3.06
N GLY A 212 -5.19 -3.28 3.92
CA GLY A 212 -3.99 -2.46 3.75
C GLY A 212 -3.94 -1.64 2.47
N MET A 213 -5.10 -1.24 1.97
CA MET A 213 -5.20 -0.44 0.75
C MET A 213 -5.31 1.05 1.06
N VAL A 214 -4.64 1.87 0.25
CA VAL A 214 -4.70 3.32 0.40
C VAL A 214 -4.91 3.95 -0.99
N TRP A 215 -5.81 4.92 -1.06
CA TRP A 215 -6.06 5.64 -2.31
C TRP A 215 -5.04 6.78 -2.19
N GLU A 216 -4.01 6.75 -3.03
CA GLU A 216 -2.92 7.73 -2.96
C GLU A 216 -2.98 8.98 -3.83
N HIS A 217 -4.07 9.15 -4.56
CA HIS A 217 -4.21 10.32 -5.43
C HIS A 217 -3.90 11.64 -4.68
N ARG A 218 -3.41 12.62 -5.42
CA ARG A 218 -3.05 13.93 -4.86
C ARG A 218 -4.22 14.70 -4.26
N LYS A 219 -5.43 14.40 -4.71
CA LYS A 219 -6.61 15.09 -4.18
C LYS A 219 -7.08 14.43 -2.87
N GLY A 220 -6.40 13.35 -2.48
CA GLY A 220 -6.77 12.64 -1.28
C GLY A 220 -6.60 13.42 0.02
N THR A 221 -7.48 13.13 0.97
CA THR A 221 -7.44 13.79 2.29
C THR A 221 -6.73 12.87 3.29
N ASP A 222 -6.63 13.31 4.54
CA ASP A 222 -6.01 12.51 5.59
C ASP A 222 -6.77 11.21 5.74
N TYR A 223 -8.09 11.28 5.54
CA TYR A 223 -8.95 10.12 5.67
C TYR A 223 -8.69 9.13 4.54
N HIS A 224 -8.24 9.63 3.40
CA HIS A 224 -7.91 8.78 2.27
C HIS A 224 -6.57 8.08 2.53
N LYS A 225 -5.61 8.86 3.02
CA LYS A 225 -4.27 8.34 3.30
C LYS A 225 -4.17 7.39 4.50
N GLN A 226 -5.13 7.47 5.43
CA GLN A 226 -5.15 6.57 6.58
C GLN A 226 -6.60 6.09 6.76
N PRO A 227 -7.11 5.32 5.79
CA PRO A 227 -8.46 4.75 5.72
C PRO A 227 -8.86 3.83 6.87
N TRP A 228 -7.88 3.17 7.48
CA TRP A 228 -8.12 2.23 8.57
C TRP A 228 -8.18 2.94 9.92
N GLN A 229 -7.74 4.18 9.95
CA GLN A 229 -7.67 4.97 11.16
C GLN A 229 -9.01 5.22 11.84
N ALA A 230 -9.06 4.97 13.14
CA ALA A 230 -10.27 5.19 13.92
C ALA A 230 -9.87 6.02 15.14
N LYS A 231 -10.65 7.05 15.43
CA LYS A 231 -10.39 7.91 16.59
C LYS A 231 -11.42 7.52 17.64
N ILE A 232 -10.94 7.23 18.84
CA ILE A 232 -11.80 6.79 19.94
C ILE A 232 -11.89 7.79 21.09
N SER A 233 -13.11 8.11 21.49
CA SER A 233 -13.31 9.06 22.57
C SER A 233 -14.02 8.40 23.76
N VAL A 234 -13.50 8.66 24.95
CA VAL A 234 -14.07 8.11 26.17
C VAL A 234 -14.39 9.25 27.12
N ILE A 235 -15.69 9.48 27.36
CA ILE A 235 -16.09 10.56 28.24
C ILE A 235 -16.23 10.10 29.69
N ARG A 236 -15.51 10.78 30.57
CA ARG A 236 -15.51 10.46 31.99
C ARG A 236 -15.69 11.72 32.84
N LYS A 239 -14.63 13.01 35.37
CA LYS A 239 -13.18 12.85 35.34
C LYS A 239 -12.61 13.27 33.99
N GLY A 240 -11.28 13.15 33.85
CA GLY A 240 -10.63 13.53 32.61
C GLY A 240 -10.95 12.62 31.43
N HIS A 241 -11.38 13.22 30.32
CA HIS A 241 -11.72 12.47 29.12
C HIS A 241 -10.52 11.82 28.47
N GLU A 242 -10.75 10.68 27.83
CA GLU A 242 -9.68 9.94 27.17
C GLU A 242 -9.80 10.02 25.65
N SER A 243 -8.66 9.93 24.97
CA SER A 243 -8.60 9.96 23.51
C SER A 243 -7.58 8.93 23.06
N CYS A 244 -7.99 8.02 22.20
CA CYS A 244 -7.12 6.99 21.67
C CYS A 244 -7.36 6.76 20.18
N MET A 245 -6.37 6.16 19.52
CA MET A 245 -6.47 5.84 18.11
C MET A 245 -6.71 4.35 18.03
N GLY A 246 -7.15 3.89 16.87
CA GLY A 246 -7.41 2.48 16.67
C GLY A 246 -7.36 2.20 15.18
N ALA A 247 -7.46 0.93 14.81
CA ALA A 247 -7.42 0.55 13.42
C ALA A 247 -8.60 -0.35 13.06
N VAL A 248 -9.22 -0.08 11.93
CA VAL A 248 -10.32 -0.92 11.46
C VAL A 248 -9.68 -2.20 10.94
N VAL A 249 -10.10 -3.36 11.48
CA VAL A 249 -9.55 -4.64 11.03
C VAL A 249 -10.59 -5.51 10.32
N SER A 250 -11.86 -5.13 10.45
CA SER A 250 -12.95 -5.84 9.80
C SER A 250 -14.17 -4.91 9.78
N GLU A 251 -15.25 -5.34 9.12
CA GLU A 251 -16.44 -4.50 9.03
C GLU A 251 -17.07 -4.20 10.39
N TYR A 252 -16.84 -5.08 11.37
CA TYR A 252 -17.39 -4.89 12.71
C TYR A 252 -16.39 -4.51 13.79
N PHE A 253 -15.10 -4.74 13.54
CA PHE A 253 -14.09 -4.47 14.57
C PHE A 253 -13.01 -3.44 14.36
N VAL A 254 -12.67 -2.78 15.46
CA VAL A 254 -11.62 -1.78 15.52
C VAL A 254 -10.63 -2.24 16.60
N LEU A 255 -9.36 -2.40 16.23
CA LEU A 255 -8.35 -2.85 17.19
C LEU A 255 -7.67 -1.62 17.81
N THR A 256 -7.51 -1.63 19.13
CA THR A 256 -6.90 -0.50 19.85
C THR A 256 -6.19 -1.03 21.12
N ALA A 257 -5.81 -0.14 22.02
CA ALA A 257 -5.15 -0.56 23.26
C ALA A 257 -6.15 -0.76 24.38
N ALA A 258 -5.93 -1.78 25.20
CA ALA A 258 -6.81 -2.07 26.33
C ALA A 258 -6.84 -0.97 27.38
N HIS A 259 -5.67 -0.39 27.69
CA HIS A 259 -5.59 0.66 28.72
C HIS A 259 -6.36 1.92 28.39
N CYS A 260 -6.93 1.99 27.19
CA CYS A 260 -7.70 3.17 26.80
C CYS A 260 -9.04 3.17 27.54
N PHE A 261 -9.44 2.01 28.03
CA PHE A 261 -10.71 1.87 28.75
C PHE A 261 -10.56 1.19 30.11
N THR A 262 -11.58 1.36 30.95
CA THR A 262 -11.62 0.74 32.28
C THR A 262 -12.94 -0.01 32.40
N VAL A 263 -13.03 -0.94 33.36
CA VAL A 263 -14.26 -1.69 33.54
C VAL A 263 -15.39 -0.74 33.95
N ASP A 264 -15.01 0.46 34.39
CA ASP A 264 -15.97 1.47 34.81
C ASP A 264 -16.46 2.36 33.68
N ASP A 265 -15.96 2.16 32.47
CA ASP A 265 -16.42 2.95 31.32
C ASP A 265 -17.67 2.28 30.76
N LYS A 266 -18.76 3.03 30.65
CA LYS A 266 -19.98 2.46 30.10
C LYS A 266 -19.99 2.59 28.57
N GLU A 267 -20.58 1.60 27.91
CA GLU A 267 -20.65 1.58 26.45
C GLU A 267 -20.95 2.93 25.82
N HIS A 268 -22.04 3.57 26.25
CA HIS A 268 -22.45 4.85 25.69
C HIS A 268 -21.48 6.01 25.88
N SER A 269 -20.48 5.84 26.72
CA SER A 269 -19.50 6.91 26.93
C SER A 269 -18.31 6.75 26.00
N ILE A 270 -18.33 5.69 25.19
CA ILE A 270 -17.25 5.41 24.25
C ILE A 270 -17.73 5.62 22.82
N LYS A 271 -17.15 6.56 22.11
CA LYS A 271 -17.55 6.84 20.74
C LYS A 271 -16.39 6.64 19.77
N VAL A 272 -16.71 6.13 18.59
CA VAL A 272 -15.70 5.88 17.58
C VAL A 272 -15.99 6.71 16.32
N SER A 273 -14.93 7.23 15.71
CA SER A 273 -15.07 8.04 14.51
C SER A 273 -14.15 7.51 13.41
N VAL A 274 -14.70 7.39 12.19
CA VAL A 274 -13.93 6.91 11.04
C VAL A 274 -14.31 7.64 9.74
N GLY A 275 -13.43 7.52 8.76
CA GLY A 275 -13.63 8.07 7.43
C GLY A 275 -13.91 9.55 7.20
N GLY A 276 -13.63 10.39 8.18
CA GLY A 276 -13.89 11.80 7.99
C GLY A 276 -15.38 12.11 8.14
N GLU A 277 -16.14 11.18 8.72
CA GLU A 277 -17.57 11.40 8.92
C GLU A 277 -17.73 12.32 10.12
N LYS A 278 -18.73 13.20 10.07
CA LYS A 278 -18.97 14.12 11.18
C LYS A 278 -19.57 13.39 12.38
N ARG A 279 -20.37 12.36 12.11
CA ARG A 279 -21.02 11.59 13.16
C ARG A 279 -20.08 10.65 13.90
N ASP A 280 -20.52 10.21 15.08
CA ASP A 280 -19.77 9.27 15.88
C ASP A 280 -20.50 7.94 15.75
N LEU A 281 -19.78 6.85 15.96
CA LEU A 281 -20.38 5.53 15.88
C LEU A 281 -20.59 4.97 17.28
N GLU A 282 -21.64 4.18 17.47
CA GLU A 282 -21.91 3.59 18.77
C GLU A 282 -21.31 2.19 18.79
N ILE A 283 -20.84 1.77 19.96
CA ILE A 283 -20.22 0.46 20.09
C ILE A 283 -21.14 -0.53 20.80
N GLU A 284 -20.96 -1.81 20.49
CA GLU A 284 -21.74 -2.83 21.13
C GLU A 284 -21.06 -3.22 22.44
N VAL A 285 -19.74 -3.40 22.37
CA VAL A 285 -18.96 -3.80 23.54
C VAL A 285 -17.46 -3.74 23.24
N VAL A 286 -16.66 -3.72 24.31
CA VAL A 286 -15.20 -3.70 24.20
C VAL A 286 -14.70 -5.06 24.64
N LEU A 287 -13.86 -5.69 23.82
CA LEU A 287 -13.32 -6.98 24.18
C LEU A 287 -11.85 -6.82 24.55
N PHE A 288 -11.57 -6.87 25.85
CA PHE A 288 -10.20 -6.74 26.33
C PHE A 288 -9.52 -8.08 26.17
N HIS A 289 -8.21 -8.05 25.96
CA HIS A 289 -7.49 -9.30 25.85
C HIS A 289 -7.65 -9.89 27.27
N PRO A 290 -8.03 -11.17 27.37
CA PRO A 290 -8.21 -11.81 28.68
C PRO A 290 -7.02 -11.75 29.65
N ASN A 291 -5.81 -11.70 29.12
CA ASN A 291 -4.60 -11.65 29.96
C ASN A 291 -4.22 -10.23 30.38
N TYR A 292 -4.93 -9.23 29.85
CA TYR A 292 -4.61 -7.86 30.22
C TYR A 292 -4.96 -7.58 31.67
N ASN A 293 -4.04 -6.96 32.40
CA ASN A 293 -4.26 -6.64 33.81
C ASN A 293 -3.21 -5.64 34.23
N ILE A 294 -3.59 -4.37 34.26
CA ILE A 294 -2.67 -3.30 34.61
C ILE A 294 -2.11 -3.33 36.03
N ASN A 295 -2.78 -4.04 36.93
CA ASN A 295 -2.32 -4.13 38.32
C ASN A 295 -1.72 -5.49 38.66
N GLY A 296 -1.57 -6.34 37.65
CA GLY A 296 -1.05 -7.68 37.87
C GLY A 296 0.38 -7.90 38.34
N LYS A 297 1.22 -6.87 38.31
CA LYS A 297 2.62 -7.03 38.72
C LYS A 297 3.13 -5.95 39.67
N LYS A 298 2.23 -5.33 40.43
CA LYS A 298 2.62 -4.28 41.36
C LYS A 298 3.65 -4.80 42.35
N GLU A 299 3.47 -6.05 42.76
CA GLU A 299 4.33 -6.73 43.71
C GLU A 299 5.76 -6.87 43.19
N ALA A 300 5.90 -6.93 41.87
CA ALA A 300 7.21 -7.05 41.24
C ALA A 300 7.78 -5.66 40.94
N GLY A 301 7.17 -4.64 41.53
CA GLY A 301 7.64 -3.28 41.31
C GLY A 301 7.14 -2.66 40.03
N ILE A 302 6.10 -3.24 39.45
CA ILE A 302 5.54 -2.71 38.21
C ILE A 302 4.17 -2.10 38.50
N PRO A 303 4.14 -0.78 38.74
CA PRO A 303 2.90 -0.04 39.05
C PRO A 303 1.79 -0.33 38.04
N GLU A 304 2.11 -0.19 36.76
CA GLU A 304 1.16 -0.47 35.69
C GLU A 304 1.81 -1.43 34.70
N PHE A 305 1.18 -2.59 34.55
CA PHE A 305 1.67 -3.65 33.67
C PHE A 305 0.94 -3.59 32.33
N TYR A 306 1.68 -3.34 31.25
CA TYR A 306 1.09 -3.24 29.92
C TYR A 306 1.12 -4.49 29.06
N ASP A 307 1.39 -5.63 29.67
CA ASP A 307 1.41 -6.89 28.93
C ASP A 307 0.00 -7.07 28.35
N TYR A 308 -0.06 -7.58 27.12
CA TYR A 308 -1.33 -7.82 26.43
C TYR A 308 -2.23 -6.58 26.37
N ASP A 309 -1.65 -5.41 26.13
CA ASP A 309 -2.41 -4.18 26.08
C ASP A 309 -3.19 -4.00 24.77
N VAL A 310 -4.10 -4.93 24.48
CA VAL A 310 -4.89 -4.84 23.26
C VAL A 310 -6.36 -5.09 23.56
N ALA A 311 -7.22 -4.53 22.72
CA ALA A 311 -8.65 -4.67 22.87
C ALA A 311 -9.34 -4.50 21.54
N LEU A 312 -10.44 -5.22 21.37
CA LEU A 312 -11.22 -5.14 20.15
C LEU A 312 -12.59 -4.55 20.44
N ILE A 313 -12.90 -3.47 19.73
CA ILE A 313 -14.18 -2.80 19.88
C ILE A 313 -15.11 -3.34 18.82
N LYS A 314 -16.25 -3.88 19.23
CA LYS A 314 -17.21 -4.37 18.26
C LYS A 314 -18.22 -3.25 18.09
N LEU A 315 -18.33 -2.71 16.89
CA LEU A 315 -19.26 -1.62 16.62
C LEU A 315 -20.69 -2.18 16.56
N LYS A 316 -21.68 -1.33 16.81
CA LYS A 316 -23.09 -1.75 16.75
C LYS A 316 -23.48 -1.99 15.30
N ASN A 317 -23.05 -1.07 14.43
CA ASN A 317 -23.35 -1.15 13.01
C ASN A 317 -22.14 -1.59 12.20
N LYS A 318 -22.41 -2.42 11.19
CA LYS A 318 -21.39 -2.94 10.31
C LYS A 318 -20.92 -1.83 9.37
N LEU A 319 -19.61 -1.70 9.21
CA LEU A 319 -19.04 -0.69 8.33
C LEU A 319 -19.05 -1.21 6.90
N LYS A 320 -19.00 -0.30 5.95
CA LYS A 320 -18.95 -0.66 4.54
C LYS A 320 -17.65 -0.01 4.05
N TYR A 321 -16.84 -0.77 3.32
CA TYR A 321 -15.56 -0.26 2.84
C TYR A 321 -15.66 0.71 1.68
N GLY A 322 -14.82 1.75 1.73
CA GLY A 322 -14.77 2.77 0.71
C GLY A 322 -13.37 3.37 0.73
N GLN A 323 -13.14 4.41 -0.06
CA GLN A 323 -11.81 5.02 -0.12
C GLN A 323 -11.40 5.77 1.15
N THR A 324 -12.34 5.94 2.08
CA THR A 324 -12.03 6.62 3.34
C THR A 324 -12.22 5.68 4.54
N ILE A 325 -12.73 4.47 4.29
CA ILE A 325 -12.94 3.48 5.34
C ILE A 325 -12.56 2.11 4.82
N ARG A 326 -11.39 1.62 5.23
CA ARG A 326 -10.89 0.31 4.79
C ARG A 326 -10.14 -0.37 5.92
N PRO A 327 -10.11 -1.71 5.89
CA PRO A 327 -9.41 -2.45 6.94
C PRO A 327 -7.91 -2.53 6.66
N ILE A 328 -7.12 -2.61 7.73
CA ILE A 328 -5.69 -2.74 7.60
C ILE A 328 -5.41 -4.24 7.67
N CYS A 329 -4.34 -4.70 7.02
CA CYS A 329 -4.00 -6.12 7.04
C CYS A 329 -3.49 -6.58 8.40
N LEU A 330 -3.88 -7.78 8.80
CA LEU A 330 -3.43 -8.35 10.07
C LEU A 330 -2.48 -9.53 9.83
N PRO A 331 -1.51 -9.73 10.74
CA PRO A 331 -0.55 -10.83 10.61
C PRO A 331 -1.20 -12.21 10.50
N CYS A 332 -0.57 -13.07 9.71
CA CYS A 332 -1.01 -14.46 9.53
C CYS A 332 -2.45 -14.69 9.11
N THR A 333 -2.88 -13.90 8.13
CA THR A 333 -4.21 -14.00 7.55
C THR A 333 -3.98 -14.17 6.05
N GLU A 334 -4.99 -14.63 5.34
CA GLU A 334 -4.84 -14.83 3.91
C GLU A 334 -4.74 -13.47 3.20
N GLY A 335 -5.34 -12.45 3.82
CA GLY A 335 -5.27 -11.12 3.25
C GLY A 335 -3.84 -10.60 3.17
N THR A 336 -3.08 -10.81 4.23
CA THR A 336 -1.69 -10.35 4.23
C THR A 336 -0.83 -11.16 3.25
N THR A 337 -1.17 -12.43 3.06
CA THR A 337 -0.43 -13.29 2.14
C THR A 337 -0.60 -12.74 0.73
N ARG A 338 -1.83 -12.39 0.38
CA ARG A 338 -2.10 -11.85 -0.94
C ARG A 338 -1.50 -10.45 -1.07
N ALA A 339 -1.62 -9.65 -0.02
CA ALA A 339 -1.06 -8.31 -0.05
C ALA A 339 0.46 -8.38 -0.29
N LEU A 340 1.11 -9.42 0.22
CA LEU A 340 2.54 -9.57 0.04
C LEU A 340 2.88 -10.27 -1.27
N ARG A 341 1.84 -10.71 -1.99
CA ARG A 341 1.99 -11.40 -3.28
C ARG A 341 2.71 -12.73 -3.11
N LEU A 342 2.33 -13.47 -2.07
CA LEU A 342 2.92 -14.76 -1.78
C LEU A 342 1.96 -15.91 -2.08
N PRO A 343 2.50 -17.10 -2.37
CA PRO A 343 1.69 -18.28 -2.67
C PRO A 343 0.75 -18.67 -1.52
N PRO A 344 -0.32 -19.42 -1.84
CA PRO A 344 -1.30 -19.84 -0.83
C PRO A 344 -0.77 -20.84 0.19
N THR A 345 0.48 -21.27 0.04
CA THR A 345 1.05 -22.22 0.96
C THR A 345 1.90 -21.52 2.02
N THR A 346 1.90 -20.19 1.99
CA THR A 346 2.66 -19.40 2.95
C THR A 346 2.18 -19.68 4.37
N THR A 347 3.12 -19.72 5.31
CA THR A 347 2.78 -19.98 6.70
C THR A 347 2.95 -18.74 7.55
N CYS A 348 2.42 -18.79 8.77
CA CYS A 348 2.51 -17.69 9.71
C CYS A 348 3.99 -17.36 9.95
N GLN A 349 4.80 -18.39 10.17
CA GLN A 349 6.23 -18.22 10.39
C GLN A 349 6.88 -17.50 9.20
N GLN A 350 6.43 -17.82 7.99
CA GLN A 350 7.00 -17.17 6.80
C GLN A 350 6.63 -15.70 6.71
N GLN A 351 5.39 -15.35 7.09
CA GLN A 351 4.96 -13.96 7.05
C GLN A 351 5.77 -13.17 8.09
N LYS A 352 6.05 -13.85 9.20
CA LYS A 352 6.81 -13.27 10.31
C LYS A 352 8.23 -12.99 9.85
N GLU A 353 8.84 -13.97 9.18
CA GLU A 353 10.20 -13.81 8.68
C GLU A 353 10.23 -12.63 7.72
N GLU A 354 9.13 -12.41 6.99
CA GLU A 354 9.04 -11.32 6.03
C GLU A 354 8.71 -9.97 6.67
N LEU A 355 7.76 -9.95 7.60
CA LEU A 355 7.35 -8.72 8.25
C LEU A 355 8.24 -8.31 9.42
N LEU A 356 8.60 -9.26 10.25
CA LEU A 356 9.44 -8.98 11.41
C LEU A 356 10.75 -9.78 11.39
N PRO A 357 11.72 -9.36 10.56
CA PRO A 357 13.01 -10.06 10.47
C PRO A 357 13.91 -9.66 11.64
N ALA A 358 14.89 -10.50 11.95
CA ALA A 358 15.81 -10.21 13.04
C ALA A 358 16.76 -9.06 12.67
N GLN A 359 16.25 -7.83 12.77
CA GLN A 359 17.05 -6.66 12.43
C GLN A 359 16.27 -5.38 12.73
N ASP A 360 16.83 -4.24 12.34
CA ASP A 360 16.15 -2.96 12.53
C ASP A 360 15.07 -2.94 11.44
N ILE A 361 13.81 -2.87 11.85
CA ILE A 361 12.71 -2.89 10.89
C ILE A 361 12.09 -1.52 10.61
N LYS A 362 12.11 -1.14 9.34
CA LYS A 362 11.55 0.12 8.89
C LYS A 362 10.03 0.04 9.07
N ALA A 363 9.48 0.94 9.86
CA ALA A 363 8.04 0.92 10.11
C ALA A 363 7.51 2.34 10.28
N LEU A 364 6.21 2.45 10.52
CA LEU A 364 5.60 3.77 10.67
C LEU A 364 4.32 3.70 11.48
N PHE A 365 3.93 4.85 12.02
CA PHE A 365 2.69 4.97 12.79
C PHE A 365 2.13 6.33 12.41
N VAL A 366 0.89 6.58 12.80
CA VAL A 366 0.22 7.83 12.50
C VAL A 366 -0.03 8.66 13.75
N SER A 367 0.19 9.96 13.64
CA SER A 367 -0.03 10.83 14.79
C SER A 367 -0.78 12.10 14.41
N GLU A 368 -1.87 12.38 15.10
CA GLU A 368 -2.62 13.58 14.81
C GLU A 368 -1.90 14.78 15.42
N GLU A 369 -1.76 15.83 14.63
CA GLU A 369 -1.10 17.04 15.07
C GLU A 369 -1.98 18.24 14.72
N GLU A 370 -2.81 18.65 15.68
CA GLU A 370 -3.71 19.77 15.46
C GLU A 370 -4.56 19.54 14.20
N LYS A 371 -5.56 18.67 14.34
CA LYS A 371 -6.48 18.37 13.24
C LYS A 371 -5.92 17.50 12.10
N LYS A 372 -4.64 17.65 11.77
CA LYS A 372 -4.04 16.88 10.67
C LYS A 372 -3.29 15.61 11.07
N LEU A 373 -3.44 14.57 10.24
CA LEU A 373 -2.78 13.29 10.46
C LEU A 373 -1.47 13.23 9.69
N THR A 374 -0.40 12.78 10.34
CA THR A 374 0.90 12.68 9.68
C THR A 374 1.54 11.32 9.96
N ARG A 375 2.40 10.89 9.05
CA ARG A 375 3.08 9.61 9.22
C ARG A 375 4.46 9.81 9.81
N LYS A 376 4.77 9.02 10.82
CA LYS A 376 6.06 9.06 11.50
C LYS A 376 6.81 7.77 11.23
N GLU A 377 7.98 7.90 10.61
CA GLU A 377 8.80 6.75 10.30
C GLU A 377 9.64 6.40 11.52
N VAL A 378 9.70 5.12 11.86
CA VAL A 378 10.47 4.65 12.99
C VAL A 378 11.13 3.33 12.66
N TYR A 379 11.96 2.83 13.57
CA TYR A 379 12.64 1.58 13.36
C TYR A 379 12.45 0.63 14.54
N ILE A 380 11.94 -0.55 14.23
CA ILE A 380 11.72 -1.57 15.25
C ILE A 380 13.04 -2.29 15.47
N LYS A 381 13.53 -2.27 16.72
CA LYS A 381 14.79 -2.94 17.06
C LYS A 381 14.53 -4.42 17.26
N ASN A 382 14.67 -5.20 16.21
CA ASN A 382 14.45 -6.63 16.30
C ASN A 382 15.71 -7.41 15.95
N GLY A 383 16.84 -6.72 15.99
CA GLY A 383 18.12 -7.33 15.69
C GLY A 383 18.97 -7.28 16.95
N ASP A 384 20.28 -7.32 16.81
CA ASP A 384 21.13 -7.29 17.99
C ASP A 384 21.12 -5.95 18.71
N LYS A 385 20.14 -5.11 18.37
CA LYS A 385 19.99 -3.81 19.02
C LYS A 385 18.76 -3.85 19.94
N LYS A 386 18.00 -4.94 19.83
CA LYS A 386 16.79 -5.14 20.61
C LYS A 386 17.00 -5.07 22.13
N GLY A 387 17.89 -5.91 22.65
CA GLY A 387 18.17 -5.92 24.08
C GLY A 387 18.44 -4.54 24.68
N SER A 388 19.13 -3.69 23.92
CA SER A 388 19.46 -2.36 24.41
C SER A 388 18.22 -1.46 24.46
N CYS A 389 17.37 -1.57 23.45
CA CYS A 389 16.16 -0.77 23.35
C CYS A 389 15.26 -1.12 24.54
N GLU A 390 15.12 -2.41 24.80
CA GLU A 390 14.29 -2.91 25.91
C GLU A 390 14.81 -2.47 27.28
N ARG A 391 16.11 -2.65 27.52
CA ARG A 391 16.70 -2.27 28.79
C ARG A 391 16.49 -0.80 29.15
N ASP A 392 16.30 0.05 28.15
CA ASP A 392 16.09 1.46 28.45
C ASP A 392 14.78 1.68 29.21
N ALA A 393 13.96 0.64 29.27
CA ALA A 393 12.69 0.73 29.98
C ALA A 393 12.94 0.95 31.47
N GLN A 394 14.15 0.64 31.93
CA GLN A 394 14.50 0.81 33.33
C GLN A 394 14.44 2.28 33.73
N TYR A 395 14.41 3.17 32.75
CA TYR A 395 14.36 4.61 33.03
C TYR A 395 12.95 5.18 32.97
N ALA A 396 11.95 4.33 32.84
CA ALA A 396 10.56 4.79 32.77
C ALA A 396 9.99 5.13 34.15
N PRO A 397 9.10 6.13 34.22
CA PRO A 397 8.48 6.55 35.48
C PRO A 397 7.83 5.39 36.22
N GLY A 398 8.21 5.20 37.48
CA GLY A 398 7.64 4.14 38.28
C GLY A 398 8.28 2.78 38.08
N TYR A 399 9.25 2.69 37.17
CA TYR A 399 9.92 1.43 36.88
C TYR A 399 11.33 1.34 37.45
N ASP A 400 11.74 2.35 38.20
CA ASP A 400 13.06 2.40 38.81
C ASP A 400 13.38 1.29 39.81
N LYS A 401 12.37 0.61 40.33
CA LYS A 401 12.63 -0.44 41.29
C LYS A 401 12.24 -1.83 40.81
N VAL A 402 12.02 -1.97 39.50
CA VAL A 402 11.67 -3.26 38.93
C VAL A 402 12.89 -4.15 38.96
N LYS A 403 12.80 -5.29 39.64
CA LYS A 403 13.94 -6.20 39.73
C LYS A 403 14.44 -6.55 38.34
N ASP A 404 13.75 -7.48 37.69
CA ASP A 404 14.12 -7.91 36.34
C ASP A 404 13.28 -7.12 35.34
N ILE A 405 13.93 -6.23 34.60
CA ILE A 405 13.24 -5.40 33.62
C ILE A 405 12.49 -6.22 32.56
N SER A 406 12.94 -7.45 32.32
CA SER A 406 12.30 -8.30 31.34
C SER A 406 10.96 -8.77 31.85
N GLU A 407 10.64 -8.41 33.09
CA GLU A 407 9.36 -8.79 33.66
C GLU A 407 8.30 -7.77 33.25
N VAL A 408 8.73 -6.55 32.96
CA VAL A 408 7.80 -5.52 32.52
C VAL A 408 7.78 -5.52 30.99
N VAL A 409 8.95 -5.72 30.39
CA VAL A 409 9.07 -5.76 28.93
C VAL A 409 8.97 -7.22 28.53
N THR A 410 7.73 -7.70 28.42
CA THR A 410 7.44 -9.08 28.08
C THR A 410 7.66 -9.37 26.59
N PRO A 411 7.59 -10.65 26.19
CA PRO A 411 7.77 -11.03 24.80
C PRO A 411 6.69 -10.44 23.89
N ARG A 412 5.69 -9.79 24.49
CA ARG A 412 4.61 -9.18 23.70
C ARG A 412 4.97 -7.82 23.11
N PHE A 413 6.12 -7.28 23.49
CA PHE A 413 6.51 -5.96 23.01
C PHE A 413 7.50 -5.84 21.85
N LEU A 414 7.30 -4.78 21.09
CA LEU A 414 8.17 -4.41 19.97
C LEU A 414 8.75 -3.13 20.53
N CYS A 415 9.97 -2.79 20.14
CA CYS A 415 10.60 -1.59 20.68
C CYS A 415 11.08 -0.65 19.58
N THR A 416 10.72 0.64 19.71
CA THR A 416 11.15 1.65 18.75
C THR A 416 11.65 2.91 19.48
N GLY A 417 12.07 3.90 18.71
CA GLY A 417 12.58 5.12 19.31
C GLY A 417 14.09 5.02 19.47
N GLY A 418 14.73 6.13 19.83
CA GLY A 418 16.18 6.11 19.99
C GLY A 418 16.87 6.89 18.89
N VAL A 419 18.21 6.84 18.89
CA VAL A 419 19.02 7.57 17.91
C VAL A 419 19.74 6.64 16.93
N SER A 420 19.57 5.34 17.11
CA SER A 420 20.22 4.34 16.26
C SER A 420 19.21 3.31 15.72
N PRO A 421 19.26 3.02 14.41
CA PRO A 421 20.15 3.61 13.39
C PRO A 421 19.80 5.02 12.98
N TYR A 422 18.59 5.48 13.32
CA TYR A 422 18.19 6.83 12.96
C TYR A 422 17.47 7.52 14.11
N ALA A 423 17.31 8.83 14.00
CA ALA A 423 16.64 9.61 15.02
C ALA A 423 15.14 9.38 14.90
N ASP A 424 14.64 8.41 15.64
CA ASP A 424 13.22 8.06 15.63
C ASP A 424 12.31 9.06 16.34
N PRO A 425 11.18 9.39 15.70
CA PRO A 425 10.26 10.33 16.37
C PRO A 425 9.53 9.48 17.42
N ASN A 426 8.93 10.11 18.41
CA ASN A 426 8.24 9.33 19.44
C ASN A 426 6.72 9.45 19.38
N THR A 427 6.07 8.43 19.91
CA THR A 427 4.61 8.39 19.96
C THR A 427 4.14 9.29 21.07
N CYS A 428 2.99 9.93 20.86
CA CYS A 428 2.41 10.80 21.87
C CYS A 428 1.24 10.07 22.51
N ARG A 429 0.82 10.52 23.67
CA ARG A 429 -0.29 9.86 24.37
C ARG A 429 -1.49 9.63 23.48
N GLY A 430 -1.84 10.65 22.69
CA GLY A 430 -2.99 10.54 21.80
C GLY A 430 -2.87 9.45 20.74
N ASP A 431 -1.65 9.03 20.42
CA ASP A 431 -1.43 7.99 19.42
C ASP A 431 -1.63 6.57 19.95
N SER A 432 -1.69 6.43 21.27
CA SER A 432 -1.85 5.13 21.89
C SER A 432 -3.08 4.38 21.37
N GLY A 433 -2.91 3.09 21.09
CA GLY A 433 -4.00 2.30 20.57
C GLY A 433 -3.89 2.24 19.05
N GLY A 434 -3.21 3.24 18.48
CA GLY A 434 -3.02 3.30 17.04
C GLY A 434 -2.15 2.15 16.54
N PRO A 435 -2.13 1.89 15.23
CA PRO A 435 -1.31 0.81 14.67
C PRO A 435 0.15 1.15 14.32
N LEU A 436 1.05 0.21 14.61
CA LEU A 436 2.46 0.35 14.25
C LEU A 436 2.44 -0.46 12.96
N ILE A 437 2.76 0.20 11.86
CA ILE A 437 2.66 -0.40 10.54
C ILE A 437 3.93 -0.69 9.72
N VAL A 438 3.84 -1.75 8.91
CA VAL A 438 4.93 -2.10 8.01
C VAL A 438 4.38 -1.91 6.60
N HIS A 439 5.13 -1.17 5.79
CA HIS A 439 4.76 -0.87 4.43
C HIS A 439 5.47 -1.79 3.45
N LYS A 440 4.73 -2.71 2.84
CA LYS A 440 5.30 -3.67 1.89
C LYS A 440 4.41 -3.92 0.68
N ARG A 441 5.07 -4.02 -0.48
CA ARG A 441 4.36 -4.26 -1.73
C ARG A 441 3.29 -3.18 -1.93
N SER A 442 3.62 -1.95 -1.52
CA SER A 442 2.70 -0.83 -1.65
C SER A 442 1.43 -1.02 -0.82
N ARG A 443 1.46 -1.97 0.12
CA ARG A 443 0.33 -2.26 1.00
C ARG A 443 0.73 -2.01 2.45
N PHE A 444 -0.26 -1.92 3.33
CA PHE A 444 0.02 -1.64 4.74
C PHE A 444 -0.40 -2.76 5.66
N ILE A 445 0.58 -3.30 6.39
CA ILE A 445 0.35 -4.41 7.32
C ILE A 445 0.58 -3.96 8.74
N GLN A 446 -0.40 -4.22 9.62
CA GLN A 446 -0.22 -3.82 11.02
C GLN A 446 0.54 -4.90 11.79
N VAL A 447 1.63 -4.51 12.44
CA VAL A 447 2.42 -5.45 13.22
C VAL A 447 2.28 -5.22 14.72
N GLY A 448 1.84 -4.03 15.11
CA GLY A 448 1.69 -3.76 16.53
C GLY A 448 0.71 -2.66 16.91
N VAL A 449 0.47 -2.55 18.22
CA VAL A 449 -0.43 -1.54 18.76
C VAL A 449 0.36 -0.62 19.72
N ILE A 450 0.30 0.67 19.45
CA ILE A 450 0.98 1.66 20.27
C ILE A 450 0.49 1.55 21.71
N SER A 451 1.42 1.28 22.63
CA SER A 451 1.06 1.08 24.03
C SER A 451 1.61 2.11 25.02
N TRP A 452 2.92 2.15 25.21
CA TRP A 452 3.53 3.09 26.16
C TRP A 452 4.92 3.54 25.75
N GLY A 453 5.53 4.39 26.57
CA GLY A 453 6.87 4.89 26.29
C GLY A 453 7.70 5.20 27.52
N VAL A 454 8.99 5.40 27.33
CA VAL A 454 9.90 5.70 28.43
C VAL A 454 10.02 7.18 28.74
N VAL A 455 10.25 7.99 27.71
CA VAL A 455 10.41 9.43 27.91
C VAL A 455 9.25 10.25 27.33
N ASP A 456 8.70 11.14 28.16
CA ASP A 456 7.61 12.02 27.78
C ASP A 456 8.17 13.16 26.94
N VAL A 457 8.04 13.07 25.63
CA VAL A 457 8.57 14.09 24.74
C VAL A 457 7.52 14.83 23.90
N CYS A 458 6.27 14.82 24.35
CA CYS A 458 5.17 15.52 23.69
C CYS A 458 4.59 16.55 24.62
N LYS A 462 3.07 19.14 21.97
CA LYS A 462 3.76 19.22 20.68
C LYS A 462 4.94 18.22 20.86
N ARG A 463 5.48 17.71 19.75
CA ARG A 463 6.62 16.79 19.84
C ARG A 463 7.69 17.75 20.31
N GLN A 464 8.60 17.23 21.13
CA GLN A 464 9.70 18.00 21.70
C GLN A 464 10.87 18.27 20.79
N LYS A 465 11.58 19.34 21.12
CA LYS A 465 12.79 19.77 20.40
C LYS A 465 13.73 18.58 20.13
N GLN A 466 14.63 18.31 21.08
CA GLN A 466 15.55 17.20 20.97
C GLN A 466 15.29 16.21 22.10
N VAL A 467 15.30 14.91 21.79
CA VAL A 467 15.01 13.90 22.80
C VAL A 467 16.21 13.02 23.15
N PRO A 468 16.17 12.46 24.36
CA PRO A 468 17.24 11.59 24.88
C PRO A 468 17.41 10.32 24.01
N ALA A 469 18.58 9.71 24.10
CA ALA A 469 18.85 8.52 23.30
C ALA A 469 18.07 7.35 23.86
N HIS A 470 17.55 7.52 25.08
CA HIS A 470 16.79 6.43 25.70
C HIS A 470 15.26 6.58 25.65
N ALA A 471 14.79 7.51 24.83
CA ALA A 471 13.36 7.73 24.67
C ALA A 471 12.80 6.62 23.79
N ARG A 472 12.55 5.47 24.41
CA ARG A 472 12.04 4.31 23.68
C ARG A 472 10.54 4.16 23.82
N ASP A 473 9.91 3.56 22.80
CA ASP A 473 8.47 3.35 22.82
C ASP A 473 8.18 1.88 22.61
N PHE A 474 7.17 1.39 23.33
CA PHE A 474 6.79 -0.02 23.24
C PHE A 474 5.40 -0.23 22.64
N HIS A 475 5.28 -1.30 21.88
CA HIS A 475 4.05 -1.62 21.19
C HIS A 475 3.76 -3.11 21.31
N ILE A 476 2.48 -3.48 21.36
CA ILE A 476 2.14 -4.88 21.45
C ILE A 476 2.31 -5.56 20.09
N ASN A 477 3.10 -6.62 20.06
CA ASN A 477 3.38 -7.39 18.85
C ASN A 477 2.16 -8.26 18.52
N LEU A 478 1.44 -7.91 17.47
CA LEU A 478 0.25 -8.69 17.10
C LEU A 478 0.55 -10.17 16.85
N PHE A 479 1.78 -10.48 16.45
CA PHE A 479 2.15 -11.86 16.21
C PHE A 479 2.09 -12.62 17.54
N GLN A 480 2.29 -11.89 18.64
CA GLN A 480 2.28 -12.50 19.96
C GLN A 480 0.90 -12.61 20.61
N VAL A 481 -0.14 -12.12 19.94
CA VAL A 481 -1.50 -12.21 20.47
C VAL A 481 -2.43 -12.85 19.44
N LEU A 482 -1.85 -13.52 18.46
CA LEU A 482 -2.60 -14.18 17.39
C LEU A 482 -3.73 -15.13 17.83
N PRO A 483 -3.50 -15.96 18.86
CA PRO A 483 -4.58 -16.87 19.29
C PRO A 483 -5.85 -16.12 19.71
N TRP A 484 -5.66 -14.95 20.32
CA TRP A 484 -6.79 -14.13 20.75
C TRP A 484 -7.45 -13.46 19.53
N LEU A 485 -6.64 -12.89 18.64
CA LEU A 485 -7.18 -12.23 17.45
C LEU A 485 -7.96 -13.24 16.60
N LYS A 486 -7.35 -14.40 16.41
CA LYS A 486 -7.95 -15.46 15.61
C LYS A 486 -9.26 -15.96 16.22
N GLU A 487 -9.32 -16.01 17.55
CA GLU A 487 -10.50 -16.46 18.25
C GLU A 487 -11.64 -15.44 18.21
N LYS A 488 -11.31 -14.19 18.49
CA LYS A 488 -12.30 -13.12 18.50
C LYS A 488 -12.81 -12.72 17.12
N LEU A 489 -11.96 -12.88 16.10
CA LEU A 489 -12.31 -12.52 14.73
C LEU A 489 -12.62 -13.72 13.81
N GLN A 490 -12.83 -14.89 14.40
CA GLN A 490 -13.11 -16.11 13.63
C GLN A 490 -14.29 -16.05 12.66
N ASP A 491 -15.23 -15.15 12.90
CA ASP A 491 -16.39 -15.02 12.02
C ASP A 491 -16.35 -13.77 11.16
N GLU A 492 -15.19 -13.11 11.11
CA GLU A 492 -15.09 -11.87 10.33
C GLU A 492 -14.54 -12.05 8.92
N ASP A 493 -14.45 -13.31 8.49
CA ASP A 493 -13.96 -13.63 7.16
C ASP A 493 -12.61 -13.01 6.83
N LEU A 494 -11.63 -13.19 7.72
CA LEU A 494 -10.30 -12.64 7.49
C LEU A 494 -9.34 -13.75 7.07
N GLY A 495 -9.79 -14.99 7.20
CA GLY A 495 -8.97 -16.13 6.81
C GLY A 495 -7.64 -16.28 7.52
N PHE A 496 -7.67 -16.31 8.86
CA PHE A 496 -6.43 -16.48 9.62
C PHE A 496 -5.83 -17.85 9.27
N LEU A 497 -4.51 -17.94 9.27
CA LEU A 497 -3.85 -19.20 8.95
C LEU A 497 -3.89 -20.17 10.14
#